data_2SEB
#
_entry.id   2SEB
#
_cell.length_a   78.530
_cell.length_b   100.280
_cell.length_c   100.870
_cell.angle_alpha   90.00
_cell.angle_beta   90.00
_cell.angle_gamma   90.00
#
_symmetry.space_group_name_H-M   'P 21 21 21'
#
loop_
_entity.id
_entity.type
_entity.pdbx_description
1 polymer 'HLA CLASS II HISTOCOMPATIBILITY ANTIGEN'
2 polymer 'HLA CLASS II HISTOCOMPATIBILITY ANTIGEN'
3 polymer 'ENTEROTOXIN TYPE B'
4 polymer 'PEPTIDE FROM COLLAGEN II'
5 non-polymer 2-acetamido-2-deoxy-beta-D-glucopyranose
6 water water
#
loop_
_entity_poly.entity_id
_entity_poly.type
_entity_poly.pdbx_seq_one_letter_code
_entity_poly.pdbx_strand_id
1 'polypeptide(L)'
;IKEEHVIIQAEFYLNPDQSGEFMFDFDGDEIFHVDMAKKETVWRLEEFGRFASFEAQGALANIAVDKANLEIMTKRSNYT
PITNVPPEVTVLTNSPVELREPNVLICFIDKFTPPVVNVTWLRNGKPVTTGVSETVFLPREDHLFRKFHYLPFLPSTEDV
YDCRVEHWGLDEPLLKHWEFD
;
A
2 'polypeptide(L)'
;GDTRPRFLEQVKHECHFFNGTERVRFLDRYFYHQEEYVRFDSDVGEYRAVTELGRPDAEYWNSQKDLLEQKRAAVDTYCR
HNYGVGESFTVQRRVYPEVTVYPAKTQPLQHHNLLVCSVNGFYPGSIEVRWFRNGQEEKTGVVSTGLIQNGDWTFQTLVM
LETVPRSGEVYTCQVEHPSLTSPLTVEWRARS
;
B
3 'polypeptide(L)'
;ESQPDPKPDELHKSSKFTGLMENMKVLYDDNHVSAINVKSIDQFLYFDLIYSIKDTKLGNYDNVRVEFKNKDLADKYKDK
YVDVFGANYYYQCYFSKKTNDINSHQTDKRKTCMYGGVTEHNGNQLDKYRSITVRVFEDGKNLLSFDVQTNKKKVTAQEL
DYLTRHYLVKNKKLYEFNNSPYETGYIKFIENENSFWYDMMPAPGDKFDQSKYLMMYNDNKMVDSKDVKIEVYLTTKKK
;
D
4 'polypeptide(L)' AYMRADAAAGGA E
#
# COMPACT_ATOMS: atom_id res chain seq x y z
N ILE A 1 18.06 -30.11 7.09
CA ILE A 1 17.37 -29.22 8.07
C ILE A 1 16.07 -28.71 7.47
N LYS A 2 15.49 -27.67 8.09
CA LYS A 2 14.24 -27.07 7.63
C LYS A 2 14.50 -25.69 7.02
N GLU A 3 13.42 -24.99 6.70
CA GLU A 3 13.49 -23.66 6.11
C GLU A 3 14.23 -22.67 6.99
N GLU A 4 15.05 -21.83 6.37
CA GLU A 4 15.79 -20.80 7.08
C GLU A 4 15.02 -19.50 6.87
N HIS A 5 14.47 -19.36 5.67
CA HIS A 5 13.74 -18.15 5.31
C HIS A 5 12.52 -18.42 4.47
N VAL A 6 11.59 -17.50 4.56
CA VAL A 6 10.35 -17.56 3.82
C VAL A 6 9.86 -16.15 3.50
N ILE A 7 9.66 -15.90 2.22
CA ILE A 7 9.13 -14.64 1.76
C ILE A 7 7.74 -14.88 1.23
N ILE A 8 6.77 -14.13 1.72
CA ILE A 8 5.41 -14.34 1.29
C ILE A 8 4.80 -13.08 0.73
N GLN A 9 4.26 -13.21 -0.47
CA GLN A 9 3.52 -12.13 -1.09
C GLN A 9 2.05 -12.37 -0.80
N ALA A 10 1.55 -11.65 0.19
CA ALA A 10 0.17 -11.82 0.59
C ALA A 10 -0.67 -10.66 0.12
N GLU A 11 -1.86 -10.99 -0.33
CA GLU A 11 -2.80 -10.00 -0.81
C GLU A 11 -4.21 -10.45 -0.49
N PHE A 12 -5.10 -9.49 -0.30
CA PHE A 12 -6.49 -9.83 0.01
C PHE A 12 -7.43 -8.77 -0.52
N TYR A 13 -8.67 -9.17 -0.75
CA TYR A 13 -9.71 -8.28 -1.20
C TYR A 13 -10.93 -8.60 -0.35
N LEU A 14 -11.62 -7.58 0.13
CA LEU A 14 -12.77 -7.82 1.00
C LEU A 14 -14.02 -7.15 0.47
N ASN A 15 -15.16 -7.88 0.50
CA ASN A 15 -16.39 -7.28 0.02
C ASN A 15 -17.24 -7.29 1.34
N PRO A 16 -18.14 -6.30 1.52
CA PRO A 16 -18.49 -5.14 0.69
C PRO A 16 -17.62 -3.90 0.84
N ASP A 17 -16.60 -3.94 1.67
CA ASP A 17 -15.67 -2.85 1.87
C ASP A 17 -14.99 -2.36 0.60
N GLN A 18 -14.73 -3.28 -0.32
CA GLN A 18 -14.05 -2.97 -1.58
C GLN A 18 -12.68 -2.37 -1.25
N SER A 19 -11.98 -3.08 -0.37
CA SER A 19 -10.65 -2.72 0.08
C SER A 19 -9.80 -3.94 -0.19
N GLY A 20 -8.52 -3.70 -0.40
CA GLY A 20 -7.60 -4.79 -0.65
C GLY A 20 -6.27 -4.46 -0.01
N GLU A 21 -5.37 -5.40 -0.10
CA GLU A 21 -4.04 -5.22 0.43
C GLU A 21 -3.05 -6.06 -0.34
N PHE A 22 -1.87 -5.52 -0.47
CA PHE A 22 -0.78 -6.19 -1.14
C PHE A 22 0.48 -5.92 -0.38
N MET A 23 1.09 -6.96 0.14
CA MET A 23 2.29 -6.79 0.93
C MET A 23 3.33 -7.85 0.62
N PHE A 24 4.47 -7.72 1.25
CA PHE A 24 5.50 -8.74 1.18
C PHE A 24 5.96 -9.01 2.61
N ASP A 25 6.09 -10.27 2.95
CA ASP A 25 6.50 -10.68 4.28
C ASP A 25 7.81 -11.45 4.23
N PHE A 26 8.60 -11.30 5.29
CA PHE A 26 9.85 -12.00 5.40
C PHE A 26 9.97 -12.43 6.85
N ASP A 27 9.74 -13.71 7.10
CA ASP A 27 9.85 -14.29 8.43
C ASP A 27 9.01 -13.55 9.48
N GLY A 28 7.82 -13.14 9.10
CA GLY A 28 6.93 -12.45 10.02
C GLY A 28 6.93 -10.94 9.89
N ASP A 29 7.97 -10.39 9.30
CA ASP A 29 8.05 -8.94 9.13
C ASP A 29 7.64 -8.45 7.74
N GLU A 30 7.04 -7.27 7.72
CA GLU A 30 6.58 -6.65 6.48
C GLU A 30 7.72 -5.95 5.77
N ILE A 31 8.05 -6.38 4.56
CA ILE A 31 9.07 -5.65 3.82
C ILE A 31 8.46 -4.37 3.30
N PHE A 32 7.28 -4.52 2.70
CA PHE A 32 6.54 -3.40 2.16
C PHE A 32 5.13 -3.80 1.79
N HIS A 33 4.27 -2.80 1.62
CA HIS A 33 2.90 -2.99 1.19
C HIS A 33 2.68 -1.88 0.17
N VAL A 34 1.66 -2.01 -0.66
CA VAL A 34 1.39 -1.00 -1.67
C VAL A 34 0.19 -0.15 -1.28
N ASP A 35 0.37 1.17 -1.30
CA ASP A 35 -0.71 2.08 -0.98
C ASP A 35 -1.52 2.15 -2.27
N MET A 36 -2.66 1.47 -2.28
CA MET A 36 -3.54 1.41 -3.44
C MET A 36 -4.01 2.76 -3.99
N ALA A 37 -4.20 3.73 -3.09
CA ALA A 37 -4.64 5.05 -3.48
C ALA A 37 -3.54 5.83 -4.18
N LYS A 38 -2.44 6.04 -3.45
CA LYS A 38 -1.29 6.75 -3.98
C LYS A 38 -0.47 5.91 -4.95
N LYS A 39 -0.82 4.63 -5.09
CA LYS A 39 -0.11 3.69 -5.96
C LYS A 39 1.38 3.83 -5.68
N GLU A 40 1.70 3.77 -4.39
CA GLU A 40 3.07 3.96 -3.94
C GLU A 40 3.53 2.82 -3.03
N THR A 41 4.77 2.36 -3.25
CA THR A 41 5.34 1.31 -2.43
C THR A 41 5.77 1.88 -1.09
N VAL A 42 5.18 1.38 -0.01
CA VAL A 42 5.52 1.85 1.33
C VAL A 42 6.36 0.81 2.07
N TRP A 43 7.66 1.05 2.16
CA TRP A 43 8.55 0.14 2.85
C TRP A 43 8.35 0.25 4.36
N ARG A 44 8.48 -0.88 5.06
CA ARG A 44 8.33 -0.90 6.52
C ARG A 44 9.38 0.01 7.14
N LEU A 45 10.61 -0.20 6.70
CA LEU A 45 11.73 0.63 7.08
C LEU A 45 12.16 1.43 5.87
N GLU A 46 12.14 2.74 5.98
CA GLU A 46 12.49 3.58 4.84
C GLU A 46 13.79 3.17 4.18
N GLU A 47 14.77 2.80 5.00
CA GLU A 47 16.09 2.38 4.52
C GLU A 47 16.01 1.31 3.44
N PHE A 48 15.00 0.45 3.51
CA PHE A 48 14.81 -0.62 2.54
C PHE A 48 14.72 -0.04 1.12
N GLY A 49 14.06 1.10 1.00
CA GLY A 49 13.89 1.75 -0.27
C GLY A 49 15.18 2.23 -0.91
N ARG A 50 16.24 2.33 -0.11
CA ARG A 50 17.53 2.77 -0.63
C ARG A 50 18.23 1.61 -1.35
N PHE A 51 17.72 0.39 -1.19
CA PHE A 51 18.33 -0.79 -1.79
C PHE A 51 17.43 -1.52 -2.78
N ALA A 52 16.13 -1.36 -2.66
CA ALA A 52 15.20 -2.04 -3.55
C ALA A 52 14.06 -1.15 -4.01
N SER A 53 13.43 -1.57 -5.09
CA SER A 53 12.29 -0.84 -5.65
C SER A 53 11.25 -1.89 -6.00
N PHE A 54 10.01 -1.45 -6.16
CA PHE A 54 8.93 -2.34 -6.54
C PHE A 54 7.97 -1.52 -7.38
N GLU A 55 7.50 -2.11 -8.47
CA GLU A 55 6.55 -1.43 -9.33
C GLU A 55 5.17 -1.56 -8.70
N ALA A 56 4.79 -0.55 -7.94
CA ALA A 56 3.49 -0.52 -7.25
C ALA A 56 2.32 -0.76 -8.18
N GLN A 57 2.46 -0.34 -9.42
CA GLN A 57 1.43 -0.53 -10.44
C GLN A 57 1.08 -2.02 -10.53
N GLY A 58 2.09 -2.87 -10.36
CA GLY A 58 1.89 -4.30 -10.43
C GLY A 58 0.88 -4.82 -9.41
N ALA A 59 0.99 -4.33 -8.17
CA ALA A 59 0.09 -4.73 -7.09
C ALA A 59 -1.38 -4.73 -7.46
N LEU A 60 -1.84 -3.64 -8.08
CA LEU A 60 -3.25 -3.53 -8.46
C LEU A 60 -3.69 -4.55 -9.52
N ALA A 61 -2.74 -5.10 -10.26
CA ALA A 61 -3.04 -6.11 -11.27
C ALA A 61 -3.52 -7.36 -10.53
N ASN A 62 -2.88 -7.63 -9.39
CA ASN A 62 -3.21 -8.78 -8.58
C ASN A 62 -4.56 -8.60 -7.90
N ILE A 63 -4.76 -7.44 -7.30
CA ILE A 63 -6.00 -7.14 -6.59
C ILE A 63 -7.24 -7.21 -7.48
N ALA A 64 -7.08 -6.83 -8.75
CA ALA A 64 -8.19 -6.86 -9.70
C ALA A 64 -8.59 -8.31 -9.92
N VAL A 65 -7.59 -9.17 -10.07
CA VAL A 65 -7.82 -10.59 -10.26
C VAL A 65 -8.48 -11.19 -9.03
N ASP A 66 -8.03 -10.79 -7.85
CA ASP A 66 -8.57 -11.27 -6.59
C ASP A 66 -10.03 -10.85 -6.42
N LYS A 67 -10.36 -9.64 -6.88
CA LYS A 67 -11.74 -9.16 -6.77
C LYS A 67 -12.60 -10.04 -7.67
N ALA A 68 -12.08 -10.34 -8.86
CA ALA A 68 -12.76 -11.18 -9.83
C ALA A 68 -12.95 -12.59 -9.27
N ASN A 69 -11.91 -13.13 -8.64
CA ASN A 69 -11.94 -14.47 -8.06
C ASN A 69 -12.89 -14.52 -6.86
N LEU A 70 -12.96 -13.43 -6.09
CA LEU A 70 -13.84 -13.37 -4.93
C LEU A 70 -15.29 -13.52 -5.38
N GLU A 71 -15.65 -12.78 -6.42
CA GLU A 71 -16.99 -12.86 -6.97
C GLU A 71 -17.35 -14.29 -7.37
N ILE A 72 -16.37 -14.94 -8.03
CA ILE A 72 -16.52 -16.32 -8.48
C ILE A 72 -16.68 -17.27 -7.31
N MET A 73 -15.84 -17.12 -6.30
CA MET A 73 -15.88 -17.96 -5.11
C MET A 73 -17.11 -17.70 -4.24
N THR A 74 -17.55 -16.44 -4.20
CA THR A 74 -18.73 -16.06 -3.42
C THR A 74 -19.95 -16.75 -4.02
N LYS A 75 -20.05 -16.67 -5.34
CA LYS A 75 -21.16 -17.31 -6.04
C LYS A 75 -21.04 -18.83 -5.94
N ARG A 76 -19.79 -19.31 -5.97
CA ARG A 76 -19.52 -20.75 -5.94
C ARG A 76 -19.71 -21.41 -4.57
N SER A 77 -19.60 -20.64 -3.49
CA SER A 77 -19.77 -21.19 -2.15
C SER A 77 -21.23 -21.04 -1.73
N ASN A 78 -22.04 -20.51 -2.64
CA ASN A 78 -23.45 -20.23 -2.40
C ASN A 78 -23.55 -19.18 -1.31
N TYR A 79 -22.88 -18.07 -1.61
CA TYR A 79 -22.81 -16.88 -0.78
C TYR A 79 -22.58 -17.10 0.72
N THR A 80 -21.74 -18.08 1.05
CA THR A 80 -21.37 -18.40 2.43
C THR A 80 -20.34 -17.35 2.84
N PRO A 81 -20.70 -16.45 3.77
CA PRO A 81 -19.80 -15.39 4.24
C PRO A 81 -18.77 -15.85 5.26
N ILE A 82 -17.96 -14.89 5.70
CA ILE A 82 -16.91 -15.14 6.67
C ILE A 82 -17.41 -15.23 8.10
N THR A 83 -16.75 -16.07 8.90
CA THR A 83 -17.10 -16.22 10.31
C THR A 83 -16.12 -15.33 11.05
N ASN A 84 -16.65 -14.37 11.81
CA ASN A 84 -15.80 -13.45 12.55
C ASN A 84 -15.01 -14.16 13.63
N VAL A 85 -13.69 -13.95 13.62
CA VAL A 85 -12.81 -14.52 14.62
C VAL A 85 -12.29 -13.29 15.37
N PRO A 86 -12.67 -13.14 16.65
CA PRO A 86 -12.24 -12.01 17.49
C PRO A 86 -10.74 -11.99 17.77
N PRO A 87 -10.15 -10.78 17.89
CA PRO A 87 -8.72 -10.53 18.09
C PRO A 87 -8.25 -10.84 19.52
N GLU A 88 -6.97 -11.20 19.61
CA GLU A 88 -6.29 -11.39 20.89
C GLU A 88 -5.42 -10.14 21.06
N VAL A 89 -5.83 -9.23 21.91
CA VAL A 89 -5.09 -7.98 22.06
C VAL A 89 -4.12 -8.05 23.23
N THR A 90 -2.90 -7.67 22.98
CA THR A 90 -1.86 -7.60 24.00
C THR A 90 -1.09 -6.29 23.91
N VAL A 91 -0.81 -5.67 25.02
CA VAL A 91 -0.09 -4.41 25.00
C VAL A 91 1.24 -4.58 25.74
N LEU A 92 2.31 -4.16 25.09
CA LEU A 92 3.62 -4.17 25.72
C LEU A 92 4.38 -2.91 25.34
N THR A 93 5.56 -2.72 25.90
CA THR A 93 6.37 -1.58 25.54
C THR A 93 7.55 -2.04 24.71
N ASN A 94 8.17 -1.11 23.99
CA ASN A 94 9.31 -1.40 23.12
C ASN A 94 10.55 -1.86 23.90
N SER A 95 10.81 -1.22 25.04
CA SER A 95 11.95 -1.55 25.89
C SER A 95 11.50 -1.36 27.34
N PRO A 96 12.31 -1.79 28.34
CA PRO A 96 11.86 -1.60 29.73
C PRO A 96 11.60 -0.12 30.02
N VAL A 97 10.47 0.15 30.67
CA VAL A 97 10.09 1.52 31.00
C VAL A 97 10.81 2.12 32.20
N GLU A 98 11.19 3.38 32.04
CA GLU A 98 11.87 4.14 33.08
C GLU A 98 11.20 5.51 32.97
N LEU A 99 10.89 6.12 34.11
CA LEU A 99 10.26 7.43 34.11
C LEU A 99 11.05 8.43 33.25
N ARG A 100 10.34 9.27 32.50
CA ARG A 100 10.92 10.34 31.67
C ARG A 100 11.83 9.89 30.52
N GLU A 101 11.96 8.58 30.28
CA GLU A 101 12.76 8.09 29.15
C GLU A 101 11.81 7.59 28.05
N PRO A 102 11.89 8.17 26.84
CA PRO A 102 11.06 7.81 25.69
C PRO A 102 10.92 6.32 25.39
N ASN A 103 9.68 5.87 25.26
CA ASN A 103 9.35 4.48 24.98
C ASN A 103 8.19 4.46 23.98
N VAL A 104 7.80 3.25 23.56
CA VAL A 104 6.71 3.07 22.61
C VAL A 104 5.78 1.99 23.15
N LEU A 105 4.48 2.27 23.12
CA LEU A 105 3.49 1.31 23.57
C LEU A 105 3.04 0.58 22.33
N ILE A 106 3.19 -0.75 22.34
CA ILE A 106 2.80 -1.55 21.20
C ILE A 106 1.53 -2.31 21.52
N CYS A 107 0.53 -2.09 20.69
CA CYS A 107 -0.72 -2.81 20.81
C CYS A 107 -0.74 -3.88 19.74
N PHE A 108 -0.69 -5.12 20.16
CA PHE A 108 -0.66 -6.23 19.22
C PHE A 108 -2.02 -6.89 19.08
N ILE A 109 -2.68 -6.64 17.96
CA ILE A 109 -3.99 -7.23 17.67
C ILE A 109 -3.67 -8.49 16.86
N ASP A 110 -3.95 -9.65 17.43
CA ASP A 110 -3.63 -10.94 16.80
C ASP A 110 -4.80 -11.92 16.58
N LYS A 111 -4.62 -12.80 15.59
CA LYS A 111 -5.58 -13.86 15.23
C LYS A 111 -7.02 -13.45 14.93
N PHE A 112 -7.21 -12.63 13.90
CA PHE A 112 -8.56 -12.18 13.56
C PHE A 112 -8.87 -12.14 12.19
N THR A 113 -10.19 -12.17 11.84
CA THR A 113 -10.75 -12.04 10.48
C THR A 113 -12.21 -11.62 10.65
N PRO A 114 -12.76 -10.79 9.74
CA PRO A 114 -12.09 -10.23 8.58
C PRO A 114 -11.07 -9.16 8.99
N PRO A 115 -10.24 -8.75 8.03
CA PRO A 115 -9.23 -7.72 8.31
C PRO A 115 -9.75 -6.28 8.35
N VAL A 116 -10.63 -6.02 9.31
CA VAL A 116 -11.18 -4.69 9.52
C VAL A 116 -11.16 -4.49 11.02
N VAL A 117 -10.55 -3.44 11.48
CA VAL A 117 -10.48 -3.22 12.90
C VAL A 117 -10.41 -1.74 13.18
N ASN A 118 -10.79 -1.37 14.38
CA ASN A 118 -10.68 0.02 14.78
C ASN A 118 -9.93 0.12 16.07
N VAL A 119 -8.72 0.60 16.01
CA VAL A 119 -7.91 0.71 17.20
C VAL A 119 -7.72 2.17 17.57
N THR A 120 -7.90 2.47 18.84
CA THR A 120 -7.75 3.82 19.36
C THR A 120 -7.00 3.71 20.67
N TRP A 121 -6.05 4.61 20.89
CA TRP A 121 -5.28 4.64 22.12
C TRP A 121 -5.91 5.67 23.02
N LEU A 122 -6.05 5.34 24.29
CA LEU A 122 -6.61 6.26 25.26
C LEU A 122 -5.59 6.46 26.34
N ARG A 123 -5.41 7.72 26.76
CA ARG A 123 -4.50 8.04 27.84
C ARG A 123 -5.41 8.68 28.87
N ASN A 124 -5.56 8.01 30.02
CA ASN A 124 -6.42 8.51 31.07
C ASN A 124 -7.85 8.69 30.57
N GLY A 125 -8.27 7.79 29.68
CA GLY A 125 -9.61 7.83 29.14
C GLY A 125 -9.83 8.66 27.89
N LYS A 126 -8.92 9.58 27.59
CA LYS A 126 -9.08 10.41 26.40
C LYS A 126 -8.30 9.84 25.22
N PRO A 127 -8.90 9.82 24.01
CA PRO A 127 -7.94 9.41 22.86
C PRO A 127 -6.67 10.21 22.59
N VAL A 128 -5.61 9.50 22.19
CA VAL A 128 -4.32 10.11 21.90
C VAL A 128 -3.97 9.80 20.45
N THR A 129 -3.32 10.74 19.77
CA THR A 129 -2.96 10.56 18.36
C THR A 129 -1.54 11.02 17.98
N THR A 130 -0.92 11.86 18.80
CA THR A 130 0.41 12.37 18.50
C THR A 130 1.47 11.29 18.31
N GLY A 131 1.92 11.14 17.06
CA GLY A 131 2.96 10.17 16.74
C GLY A 131 2.52 8.72 16.62
N VAL A 132 1.22 8.45 16.74
CA VAL A 132 0.74 7.08 16.64
C VAL A 132 0.97 6.56 15.22
N SER A 133 1.18 5.26 15.13
CA SER A 133 1.40 4.63 13.84
C SER A 133 0.82 3.23 13.94
N GLU A 134 0.65 2.59 12.80
CA GLU A 134 0.11 1.24 12.76
C GLU A 134 0.70 0.53 11.57
N THR A 135 0.75 -0.78 11.65
CA THR A 135 1.26 -1.55 10.53
C THR A 135 0.03 -1.79 9.67
N VAL A 136 0.18 -2.67 8.69
CA VAL A 136 -0.91 -3.01 7.82
C VAL A 136 -1.38 -4.37 8.33
N PHE A 137 -2.45 -4.93 7.76
CA PHE A 137 -2.90 -6.25 8.21
C PHE A 137 -1.87 -7.26 7.73
N LEU A 138 -1.20 -7.88 8.68
CA LEU A 138 -0.17 -8.87 8.39
C LEU A 138 -0.76 -10.27 8.47
N PRO A 139 -0.42 -11.13 7.50
CA PRO A 139 -0.90 -12.51 7.44
C PRO A 139 -0.30 -13.47 8.46
N ARG A 140 -1.09 -14.49 8.80
CA ARG A 140 -0.70 -15.54 9.73
C ARG A 140 -0.77 -16.85 8.94
N GLU A 141 -0.07 -17.87 9.43
CA GLU A 141 -0.06 -19.17 8.76
C GLU A 141 -1.43 -19.86 8.79
N ASP A 142 -2.25 -19.51 9.77
CA ASP A 142 -3.59 -20.09 9.89
C ASP A 142 -4.60 -19.26 9.08
N HIS A 143 -4.04 -18.31 8.34
CA HIS A 143 -4.79 -17.43 7.44
C HIS A 143 -5.72 -16.42 8.08
N LEU A 144 -5.38 -16.07 9.31
CA LEU A 144 -6.08 -15.05 10.08
C LEU A 144 -5.11 -13.88 9.96
N PHE A 145 -5.35 -12.81 10.69
CA PHE A 145 -4.45 -11.66 10.60
C PHE A 145 -3.77 -11.22 11.89
N ARG A 146 -2.82 -10.30 11.71
CA ARG A 146 -2.02 -9.70 12.77
C ARG A 146 -1.98 -8.21 12.45
N LYS A 147 -1.77 -7.40 13.49
CA LYS A 147 -1.67 -5.97 13.31
C LYS A 147 -0.95 -5.41 14.53
N PHE A 148 -0.17 -4.36 14.31
CA PHE A 148 0.57 -3.72 15.38
C PHE A 148 0.21 -2.25 15.39
N HIS A 149 0.01 -1.70 16.59
CA HIS A 149 -0.27 -0.29 16.72
C HIS A 149 0.77 0.26 17.66
N TYR A 150 1.30 1.43 17.34
CA TYR A 150 2.35 2.03 18.14
C TYR A 150 1.93 3.39 18.64
N LEU A 151 2.32 3.69 19.88
CA LEU A 151 2.03 4.96 20.51
C LEU A 151 3.27 5.41 21.26
N PRO A 152 4.07 6.30 20.63
CA PRO A 152 5.28 6.78 21.31
C PRO A 152 4.81 7.53 22.55
N PHE A 153 5.47 7.30 23.68
CA PHE A 153 5.08 7.97 24.91
C PHE A 153 6.23 8.18 25.88
N LEU A 154 5.99 9.03 26.86
CA LEU A 154 6.96 9.36 27.88
C LEU A 154 6.38 8.85 29.19
N PRO A 155 6.92 7.72 29.71
CA PRO A 155 6.50 7.07 30.95
C PRO A 155 6.41 7.94 32.19
N SER A 156 5.26 7.91 32.84
CA SER A 156 5.05 8.68 34.05
C SER A 156 4.13 7.87 34.97
N THR A 157 4.27 8.11 36.26
CA THR A 157 3.46 7.46 37.29
C THR A 157 2.05 8.08 37.27
N GLU A 158 1.87 9.07 36.40
CA GLU A 158 0.61 9.79 36.27
C GLU A 158 -0.38 9.11 35.32
N ASP A 159 0.05 8.91 34.07
CA ASP A 159 -0.83 8.33 33.08
C ASP A 159 -0.92 6.82 33.01
N VAL A 160 -2.14 6.43 32.64
CA VAL A 160 -2.53 5.06 32.36
C VAL A 160 -2.92 5.00 30.89
N TYR A 161 -2.86 3.84 30.28
CA TYR A 161 -3.20 3.75 28.87
C TYR A 161 -4.15 2.60 28.59
N ASP A 162 -4.81 2.67 27.45
CA ASP A 162 -5.75 1.66 27.02
C ASP A 162 -5.68 1.53 25.51
N CYS A 163 -5.68 0.31 25.03
CA CYS A 163 -5.71 0.10 23.60
C CYS A 163 -7.13 -0.37 23.35
N ARG A 164 -7.94 0.48 22.77
CA ARG A 164 -9.32 0.12 22.51
C ARG A 164 -9.42 -0.49 21.11
N VAL A 165 -9.80 -1.76 21.07
CA VAL A 165 -9.93 -2.48 19.82
C VAL A 165 -11.39 -2.83 19.50
N GLU A 166 -11.82 -2.44 18.31
CA GLU A 166 -13.17 -2.71 17.84
C GLU A 166 -13.09 -3.68 16.67
N HIS A 167 -13.84 -4.77 16.75
CA HIS A 167 -13.85 -5.77 15.69
C HIS A 167 -15.21 -6.45 15.75
N TRP A 168 -15.78 -6.76 14.58
CA TRP A 168 -17.10 -7.40 14.51
C TRP A 168 -17.18 -8.78 15.16
N GLY A 169 -16.03 -9.30 15.58
CA GLY A 169 -16.01 -10.59 16.24
C GLY A 169 -16.18 -10.40 17.74
N LEU A 170 -16.16 -9.13 18.14
CA LEU A 170 -16.31 -8.74 19.53
C LEU A 170 -17.67 -8.10 19.73
N ASP A 171 -18.23 -8.28 20.93
CA ASP A 171 -19.52 -7.72 21.30
C ASP A 171 -19.39 -6.25 21.69
N GLU A 172 -18.50 -6.02 22.62
CA GLU A 172 -18.18 -4.69 23.11
C GLU A 172 -16.71 -4.36 22.87
N PRO A 173 -16.37 -3.15 22.50
CA PRO A 173 -14.98 -2.78 22.23
C PRO A 173 -14.01 -3.29 23.30
N LEU A 174 -13.01 -4.04 22.84
CA LEU A 174 -12.00 -4.60 23.73
C LEU A 174 -11.08 -3.50 24.24
N LEU A 175 -10.72 -3.59 25.50
CA LEU A 175 -9.86 -2.59 26.13
C LEU A 175 -8.70 -3.31 26.83
N LYS A 176 -7.47 -3.07 26.38
CA LYS A 176 -6.29 -3.66 26.99
C LYS A 176 -5.50 -2.55 27.64
N HIS A 177 -5.43 -2.62 28.96
CA HIS A 177 -4.78 -1.62 29.79
C HIS A 177 -3.27 -1.69 29.95
N TRP A 178 -2.67 -0.57 30.31
CA TRP A 178 -1.24 -0.48 30.57
C TRP A 178 -0.97 0.72 31.46
N GLU A 179 -0.30 0.47 32.57
CA GLU A 179 0.07 1.53 33.50
C GLU A 179 1.45 1.20 34.07
N PHE A 180 2.19 2.24 34.44
CA PHE A 180 3.54 2.11 34.97
C PHE A 180 3.56 1.30 36.27
N ASP B 2 -21.51 -3.18 11.61
CA ASP B 2 -22.01 -3.41 10.24
C ASP B 2 -22.86 -4.67 10.18
N THR B 3 -24.02 -4.55 9.55
CA THR B 3 -24.94 -5.68 9.38
C THR B 3 -24.37 -6.59 8.30
N ARG B 4 -23.93 -5.95 7.20
CA ARG B 4 -23.37 -6.61 6.04
C ARG B 4 -22.31 -7.69 6.32
N PRO B 5 -22.48 -8.87 5.71
CA PRO B 5 -21.55 -9.99 5.88
C PRO B 5 -20.31 -9.72 5.02
N ARG B 6 -19.16 -10.27 5.41
CA ARG B 6 -17.95 -10.06 4.63
C ARG B 6 -17.61 -11.27 3.79
N PHE B 7 -16.97 -10.99 2.68
CA PHE B 7 -16.47 -12.01 1.77
C PHE B 7 -15.04 -11.65 1.47
N LEU B 8 -14.12 -12.46 1.94
CA LEU B 8 -12.71 -12.19 1.75
C LEU B 8 -12.09 -13.18 0.77
N GLU B 9 -11.20 -12.68 -0.06
CA GLU B 9 -10.46 -13.50 -1.01
C GLU B 9 -9.03 -13.24 -0.58
N GLN B 10 -8.23 -14.29 -0.51
CA GLN B 10 -6.86 -14.18 -0.07
C GLN B 10 -5.95 -14.98 -0.96
N VAL B 11 -4.81 -14.40 -1.31
CA VAL B 11 -3.84 -15.08 -2.16
C VAL B 11 -2.46 -14.92 -1.55
N LYS B 12 -1.76 -16.04 -1.40
CA LYS B 12 -0.42 -16.01 -0.86
C LYS B 12 0.54 -16.73 -1.78
N HIS B 13 1.55 -15.99 -2.20
CA HIS B 13 2.63 -16.51 -3.00
C HIS B 13 3.80 -16.73 -2.07
N GLU B 14 4.07 -17.97 -1.72
CA GLU B 14 5.11 -18.24 -0.75
C GLU B 14 6.38 -18.81 -1.36
N CYS B 15 7.52 -18.39 -0.81
CA CYS B 15 8.83 -18.85 -1.25
C CYS B 15 9.55 -19.35 -0.01
N HIS B 16 9.88 -20.63 0.02
CA HIS B 16 10.57 -21.21 1.17
C HIS B 16 11.99 -21.56 0.74
N PHE B 17 12.96 -21.00 1.44
CA PHE B 17 14.38 -21.21 1.13
C PHE B 17 15.08 -22.13 2.12
N PHE B 18 15.90 -23.03 1.59
CA PHE B 18 16.65 -23.99 2.39
C PHE B 18 18.11 -23.86 1.97
N ASN B 19 19.02 -23.82 2.96
CA ASN B 19 20.45 -23.68 2.71
C ASN B 19 20.71 -22.55 1.71
N GLY B 20 20.52 -21.33 2.18
CA GLY B 20 20.65 -20.17 1.31
C GLY B 20 19.50 -20.32 0.33
N THR B 21 19.84 -20.52 -0.94
CA THR B 21 18.84 -20.71 -1.98
C THR B 21 19.09 -22.02 -2.73
N GLU B 22 19.80 -22.95 -2.09
CA GLU B 22 20.12 -24.24 -2.70
C GLU B 22 18.84 -24.91 -3.14
N ARG B 23 17.96 -25.10 -2.19
CA ARG B 23 16.66 -25.65 -2.47
C ARG B 23 15.65 -24.53 -2.49
N VAL B 24 14.70 -24.41 -3.33
CA VAL B 24 13.70 -23.34 -2.99
C VAL B 24 12.39 -24.01 -3.35
N ARG B 25 11.35 -23.70 -2.58
CA ARG B 25 10.02 -24.26 -2.80
C ARG B 25 9.03 -23.12 -2.91
N PHE B 26 8.24 -23.13 -3.99
CA PHE B 26 7.26 -22.10 -4.26
C PHE B 26 5.83 -22.60 -4.24
N LEU B 27 4.98 -21.83 -3.59
CA LEU B 27 3.58 -22.15 -3.49
C LEU B 27 2.72 -21.01 -4.03
N ASP B 28 1.63 -21.31 -4.68
CA ASP B 28 0.70 -20.26 -5.09
C ASP B 28 -0.63 -20.72 -4.53
N ARG B 29 -1.00 -20.15 -3.40
CA ARG B 29 -2.21 -20.54 -2.68
C ARG B 29 -3.36 -19.54 -2.68
N TYR B 30 -4.56 -20.04 -2.93
CA TYR B 30 -5.75 -19.23 -2.97
C TYR B 30 -6.65 -19.66 -1.83
N PHE B 31 -7.19 -18.67 -1.13
CA PHE B 31 -8.05 -18.91 0.02
C PHE B 31 -9.39 -18.34 -0.07
N TYR B 32 -10.42 -19.21 0.06
CA TYR B 32 -11.70 -18.57 0.05
C TYR B 32 -11.69 -17.61 1.21
N HIS B 33 -12.23 -17.99 2.34
CA HIS B 33 -12.24 -17.09 3.46
C HIS B 33 -10.98 -17.24 4.27
N GLN B 34 -10.71 -18.43 4.63
CA GLN B 34 -9.55 -18.73 5.38
C GLN B 34 -9.18 -20.13 4.92
N GLU B 35 -10.08 -20.71 4.12
CA GLU B 35 -9.90 -22.04 3.59
C GLU B 35 -9.25 -22.03 2.22
N GLU B 36 -8.11 -22.68 2.12
CA GLU B 36 -7.38 -22.79 0.87
C GLU B 36 -8.15 -23.74 -0.06
N TYR B 37 -8.40 -23.31 -1.30
CA TYR B 37 -9.12 -24.15 -2.24
C TYR B 37 -8.27 -24.64 -3.42
N VAL B 38 -7.23 -23.90 -3.77
CA VAL B 38 -6.30 -24.32 -4.82
C VAL B 38 -4.90 -23.93 -4.47
N ARG B 39 -3.95 -24.67 -5.00
CA ARG B 39 -2.56 -24.35 -4.75
C ARG B 39 -1.67 -24.91 -5.83
N PHE B 40 -0.65 -24.15 -6.13
CA PHE B 40 0.38 -24.60 -7.02
C PHE B 40 1.59 -24.88 -6.17
N ASP B 41 2.10 -26.06 -6.23
CA ASP B 41 3.30 -26.41 -5.50
C ASP B 41 4.36 -26.70 -6.55
N SER B 42 5.51 -26.04 -6.43
CA SER B 42 6.59 -26.24 -7.39
C SER B 42 7.06 -27.68 -7.44
N ASP B 43 6.84 -28.41 -6.33
CA ASP B 43 7.24 -29.81 -6.25
C ASP B 43 6.22 -30.72 -6.93
N VAL B 44 5.04 -30.17 -7.22
CA VAL B 44 3.97 -30.90 -7.89
C VAL B 44 3.97 -30.48 -9.36
N GLY B 45 4.31 -29.22 -9.61
CA GLY B 45 4.36 -28.70 -10.96
C GLY B 45 3.03 -28.38 -11.60
N GLU B 46 1.94 -28.55 -10.85
CA GLU B 46 0.62 -28.27 -11.39
C GLU B 46 -0.31 -27.81 -10.27
N TYR B 47 -1.41 -27.17 -10.65
CA TYR B 47 -2.40 -26.73 -9.67
C TYR B 47 -3.17 -27.93 -9.15
N ARG B 48 -3.35 -27.97 -7.84
CA ARG B 48 -4.06 -29.05 -7.17
C ARG B 48 -5.19 -28.43 -6.37
N ALA B 49 -6.38 -28.97 -6.51
CA ALA B 49 -7.52 -28.45 -5.76
C ALA B 49 -7.33 -28.92 -4.32
N VAL B 50 -7.24 -27.96 -3.40
CA VAL B 50 -7.06 -28.27 -1.97
C VAL B 50 -8.41 -28.73 -1.39
N THR B 51 -9.50 -28.13 -1.88
CA THR B 51 -10.85 -28.50 -1.48
C THR B 51 -11.60 -28.57 -2.81
N GLU B 52 -12.77 -29.21 -2.82
CA GLU B 52 -13.53 -29.32 -4.06
C GLU B 52 -13.91 -27.99 -4.70
N LEU B 53 -13.87 -26.92 -3.92
CA LEU B 53 -14.19 -25.59 -4.43
C LEU B 53 -13.18 -25.13 -5.48
N GLY B 54 -11.93 -25.57 -5.32
CA GLY B 54 -10.88 -25.19 -6.24
C GLY B 54 -10.75 -26.02 -7.50
N ARG B 55 -11.57 -27.05 -7.63
CA ARG B 55 -11.52 -27.92 -8.80
C ARG B 55 -11.62 -27.24 -10.16
N PRO B 56 -12.61 -26.35 -10.37
CA PRO B 56 -12.72 -25.69 -11.66
C PRO B 56 -11.43 -24.94 -11.99
N ASP B 57 -10.89 -24.24 -11.01
CA ASP B 57 -9.67 -23.47 -11.18
C ASP B 57 -8.48 -24.39 -11.46
N ALA B 58 -8.38 -25.47 -10.68
CA ALA B 58 -7.29 -26.42 -10.82
C ALA B 58 -7.21 -26.94 -12.26
N GLU B 59 -8.34 -27.43 -12.76
CA GLU B 59 -8.42 -27.96 -14.12
C GLU B 59 -8.19 -26.88 -15.17
N TYR B 60 -8.80 -25.72 -14.97
CA TYR B 60 -8.70 -24.60 -15.91
C TYR B 60 -7.28 -24.06 -16.02
N TRP B 61 -6.67 -23.75 -14.88
CA TRP B 61 -5.32 -23.20 -14.86
C TRP B 61 -4.31 -24.20 -15.40
N ASN B 62 -4.54 -25.48 -15.14
CA ASN B 62 -3.64 -26.53 -15.63
C ASN B 62 -3.64 -26.64 -17.15
N SER B 63 -4.74 -26.22 -17.77
CA SER B 63 -4.86 -26.27 -19.23
C SER B 63 -4.23 -25.04 -19.87
N GLN B 64 -3.42 -24.31 -19.11
CA GLN B 64 -2.78 -23.11 -19.61
C GLN B 64 -1.27 -23.25 -19.59
N LYS B 65 -0.72 -23.61 -20.74
CA LYS B 65 0.71 -23.81 -20.91
C LYS B 65 1.53 -22.59 -20.49
N ASP B 66 1.01 -21.39 -20.75
CA ASP B 66 1.70 -20.16 -20.45
C ASP B 66 1.67 -19.87 -18.96
N LEU B 67 0.56 -20.14 -18.30
CA LEU B 67 0.42 -19.91 -16.86
C LEU B 67 1.30 -20.88 -16.10
N LEU B 68 1.24 -22.15 -16.50
CA LEU B 68 2.03 -23.18 -15.87
C LEU B 68 3.50 -22.87 -16.09
N GLU B 69 3.85 -22.41 -17.29
CA GLU B 69 5.24 -22.08 -17.60
C GLU B 69 5.76 -21.00 -16.66
N GLN B 70 4.95 -19.98 -16.42
CA GLN B 70 5.33 -18.87 -15.56
C GLN B 70 5.49 -19.33 -14.12
N LYS B 71 4.55 -20.14 -13.62
CA LYS B 71 4.60 -20.64 -12.25
C LYS B 71 5.75 -21.62 -12.04
N ARG B 72 6.04 -22.42 -13.07
CA ARG B 72 7.13 -23.39 -13.02
C ARG B 72 8.46 -22.67 -13.02
N ALA B 73 8.46 -21.46 -13.58
CA ALA B 73 9.66 -20.64 -13.65
C ALA B 73 9.81 -19.82 -12.37
N ALA B 74 8.71 -19.68 -11.62
CA ALA B 74 8.67 -18.89 -10.39
C ALA B 74 9.76 -19.14 -9.36
N VAL B 75 10.18 -20.40 -9.18
CA VAL B 75 11.23 -20.71 -8.21
C VAL B 75 12.51 -19.91 -8.49
N ASP B 76 12.77 -19.65 -9.77
CA ASP B 76 13.96 -18.90 -10.15
C ASP B 76 13.69 -17.42 -10.40
N THR B 77 12.67 -17.13 -11.20
CA THR B 77 12.33 -15.75 -11.56
C THR B 77 11.66 -14.92 -10.47
N TYR B 78 10.96 -15.59 -9.57
CA TYR B 78 10.27 -14.91 -8.49
C TYR B 78 11.01 -15.06 -7.17
N CYS B 79 11.06 -16.28 -6.66
CA CYS B 79 11.73 -16.57 -5.40
C CYS B 79 13.21 -16.21 -5.32
N ARG B 80 14.06 -16.92 -6.05
CA ARG B 80 15.50 -16.63 -6.02
C ARG B 80 15.83 -15.18 -6.41
N HIS B 81 15.03 -14.59 -7.29
CA HIS B 81 15.25 -13.20 -7.69
C HIS B 81 15.00 -12.27 -6.51
N ASN B 82 13.80 -12.35 -5.94
CA ASN B 82 13.44 -11.49 -4.80
C ASN B 82 14.35 -11.71 -3.60
N TYR B 83 14.82 -12.94 -3.43
CA TYR B 83 15.73 -13.27 -2.33
C TYR B 83 17.02 -12.48 -2.56
N GLY B 84 17.40 -12.34 -3.83
CA GLY B 84 18.60 -11.61 -4.17
C GLY B 84 18.44 -10.12 -3.90
N VAL B 85 17.28 -9.57 -4.27
CA VAL B 85 16.97 -8.16 -4.08
C VAL B 85 16.88 -7.79 -2.59
N GLY B 86 16.31 -8.67 -1.79
CA GLY B 86 16.17 -8.40 -0.37
C GLY B 86 17.36 -8.84 0.47
N GLU B 87 18.04 -9.89 0.03
CA GLU B 87 19.21 -10.48 0.69
C GLU B 87 19.97 -9.60 1.69
N SER B 88 20.43 -8.44 1.22
CA SER B 88 21.22 -7.53 2.05
C SER B 88 20.52 -6.82 3.21
N PHE B 89 19.24 -6.51 3.07
CA PHE B 89 18.52 -5.83 4.13
C PHE B 89 17.53 -6.68 4.93
N THR B 90 17.38 -7.94 4.53
CA THR B 90 16.48 -8.86 5.22
C THR B 90 17.26 -10.05 5.76
N VAL B 91 17.74 -10.91 4.86
CA VAL B 91 18.49 -12.10 5.23
C VAL B 91 19.77 -11.74 5.98
N GLN B 92 20.38 -10.62 5.60
CA GLN B 92 21.64 -10.17 6.18
C GLN B 92 21.43 -9.22 7.36
N ARG B 93 20.22 -8.72 7.54
CA ARG B 93 19.98 -7.74 8.61
C ARG B 93 20.47 -8.29 9.95
N ARG B 94 21.22 -7.47 10.67
CA ARG B 94 21.77 -7.82 11.96
C ARG B 94 21.82 -6.59 12.85
N VAL B 95 20.92 -6.54 13.83
CA VAL B 95 20.83 -5.44 14.77
C VAL B 95 21.18 -6.02 16.14
N TYR B 96 22.11 -5.38 16.84
CA TYR B 96 22.52 -5.86 18.15
C TYR B 96 21.54 -5.52 19.25
N PRO B 97 21.41 -6.42 20.23
CA PRO B 97 20.49 -6.23 21.34
C PRO B 97 21.00 -5.33 22.46
N GLU B 98 20.08 -4.60 22.99
CA GLU B 98 20.31 -3.82 24.20
C GLU B 98 19.75 -4.58 25.39
N VAL B 99 20.69 -4.94 26.25
CA VAL B 99 20.44 -5.72 27.45
C VAL B 99 20.33 -4.84 28.67
N THR B 100 19.37 -5.16 29.54
CA THR B 100 19.13 -4.40 30.75
C THR B 100 18.74 -5.37 31.85
N VAL B 101 19.40 -5.27 33.00
CA VAL B 101 19.06 -6.13 34.12
C VAL B 101 18.48 -5.22 35.20
N TYR B 102 17.33 -5.60 35.72
CA TYR B 102 16.67 -4.84 36.77
C TYR B 102 15.81 -5.75 37.65
N PRO B 103 15.70 -5.42 38.94
CA PRO B 103 14.90 -6.19 39.89
C PRO B 103 13.40 -5.90 39.72
N ALA B 104 12.57 -6.92 39.86
CA ALA B 104 11.12 -6.76 39.72
C ALA B 104 10.53 -6.20 41.01
N ASN B 113 13.48 -12.81 45.56
CA ASN B 113 13.74 -11.65 44.74
C ASN B 113 13.90 -12.03 43.27
N LEU B 114 13.04 -11.44 42.44
CA LEU B 114 13.01 -11.68 41.00
C LEU B 114 13.90 -10.75 40.19
N LEU B 115 14.78 -11.31 39.37
CA LEU B 115 15.66 -10.53 38.51
C LEU B 115 15.20 -10.65 37.07
N VAL B 116 15.05 -9.52 36.41
CA VAL B 116 14.60 -9.52 35.02
C VAL B 116 15.73 -9.08 34.10
N CYS B 117 15.93 -9.82 33.02
CA CYS B 117 16.94 -9.48 32.03
C CYS B 117 16.19 -9.21 30.75
N SER B 118 16.14 -7.94 30.37
CA SER B 118 15.46 -7.55 29.15
C SER B 118 16.45 -7.39 28.01
N VAL B 119 16.24 -8.17 26.96
CA VAL B 119 17.07 -8.13 25.75
C VAL B 119 16.14 -7.52 24.70
N ASN B 120 16.50 -6.35 24.17
CA ASN B 120 15.64 -5.64 23.22
C ASN B 120 16.27 -5.14 21.93
N GLY B 121 15.42 -4.92 20.93
CA GLY B 121 15.83 -4.37 19.65
C GLY B 121 16.76 -5.14 18.75
N PHE B 122 16.80 -6.46 18.86
CA PHE B 122 17.69 -7.25 18.03
C PHE B 122 17.02 -7.94 16.84
N TYR B 123 17.83 -8.18 15.81
CA TYR B 123 17.40 -8.89 14.61
C TYR B 123 18.65 -9.59 14.10
N PRO B 124 18.55 -10.88 13.69
CA PRO B 124 17.37 -11.77 13.69
C PRO B 124 16.90 -12.25 15.06
N GLY B 125 15.87 -13.08 15.07
CA GLY B 125 15.31 -13.59 16.30
C GLY B 125 16.18 -14.57 17.04
N SER B 126 17.04 -15.28 16.32
CA SER B 126 17.93 -16.27 16.92
C SER B 126 18.78 -15.60 17.99
N ILE B 127 18.57 -16.00 19.24
CA ILE B 127 19.31 -15.42 20.35
C ILE B 127 19.45 -16.41 21.49
N GLU B 128 20.49 -16.24 22.29
CA GLU B 128 20.68 -17.04 23.47
C GLU B 128 20.88 -16.14 24.68
N VAL B 129 19.97 -16.29 25.64
CA VAL B 129 20.00 -15.54 26.88
C VAL B 129 20.17 -16.48 28.06
N ARG B 130 21.24 -16.28 28.83
CA ARG B 130 21.53 -17.13 29.96
C ARG B 130 21.79 -16.37 31.25
N TRP B 131 21.38 -16.96 32.35
CA TRP B 131 21.60 -16.38 33.67
C TRP B 131 22.72 -17.13 34.37
N PHE B 132 23.60 -16.37 35.02
CA PHE B 132 24.72 -16.93 35.75
C PHE B 132 24.73 -16.28 37.13
N ARG B 133 25.02 -17.10 38.14
CA ARG B 133 25.11 -16.66 39.52
C ARG B 133 26.49 -17.13 39.95
N ASN B 134 27.36 -16.19 40.31
CA ASN B 134 28.71 -16.51 40.74
C ASN B 134 29.44 -17.30 39.66
N GLY B 135 29.27 -16.87 38.41
CA GLY B 135 29.91 -17.53 37.28
C GLY B 135 29.39 -18.91 36.89
N GLN B 136 28.35 -19.38 37.58
CA GLN B 136 27.75 -20.69 37.30
C GLN B 136 26.37 -20.42 36.71
N GLU B 137 26.00 -21.15 35.66
CA GLU B 137 24.70 -20.95 35.01
C GLU B 137 23.51 -21.36 35.89
N GLU B 138 22.35 -20.81 35.56
CA GLU B 138 21.11 -21.10 36.28
C GLU B 138 20.12 -21.69 35.30
N LYS B 139 19.53 -22.83 35.65
CA LYS B 139 18.55 -23.49 34.80
C LYS B 139 17.21 -23.37 35.49
N THR B 140 17.15 -23.86 36.72
CA THR B 140 15.95 -23.79 37.53
C THR B 140 15.69 -22.37 37.99
N GLY B 141 14.42 -21.99 38.05
CA GLY B 141 14.09 -20.65 38.50
C GLY B 141 14.09 -19.61 37.38
N VAL B 142 14.53 -20.02 36.20
CA VAL B 142 14.58 -19.12 35.06
C VAL B 142 13.31 -19.26 34.22
N VAL B 143 12.73 -18.13 33.84
CA VAL B 143 11.51 -18.11 33.04
C VAL B 143 11.73 -17.18 31.85
N SER B 144 11.25 -17.55 30.68
CA SER B 144 11.38 -16.69 29.51
C SER B 144 10.00 -16.30 29.00
N THR B 145 9.95 -15.21 28.25
CA THR B 145 8.73 -14.70 27.67
C THR B 145 8.66 -15.17 26.21
N GLY B 146 9.77 -15.75 25.75
CA GLY B 146 9.85 -16.23 24.37
C GLY B 146 10.25 -15.09 23.45
N LEU B 147 10.34 -15.36 22.16
CA LEU B 147 10.61 -14.30 21.22
C LEU B 147 9.39 -13.47 21.01
N ILE B 148 9.62 -12.20 21.04
CA ILE B 148 8.60 -11.27 20.78
C ILE B 148 8.95 -10.38 19.61
N GLN B 149 8.14 -10.46 18.55
CA GLN B 149 8.32 -9.67 17.36
C GLN B 149 7.67 -8.33 17.66
N ASN B 150 8.42 -7.23 17.52
CA ASN B 150 7.85 -5.92 17.80
C ASN B 150 7.16 -5.34 16.55
N GLY B 151 7.13 -6.12 15.49
CA GLY B 151 6.50 -5.70 14.26
C GLY B 151 7.25 -4.62 13.49
N ASP B 152 8.55 -4.51 13.74
CA ASP B 152 9.36 -3.50 13.07
C ASP B 152 10.78 -3.99 12.81
N TRP B 153 10.90 -5.26 12.41
CA TRP B 153 12.20 -5.87 12.14
C TRP B 153 13.08 -5.78 13.39
N THR B 154 12.46 -6.05 14.52
CA THR B 154 13.13 -5.99 15.81
C THR B 154 12.40 -6.95 16.74
N PHE B 155 13.17 -7.60 17.63
CA PHE B 155 12.62 -8.53 18.58
C PHE B 155 12.97 -8.09 19.99
N GLN B 156 12.29 -8.69 20.96
CA GLN B 156 12.55 -8.44 22.36
C GLN B 156 12.27 -9.74 23.09
N THR B 157 12.97 -9.95 24.19
CA THR B 157 12.80 -11.15 24.98
C THR B 157 13.06 -10.75 26.41
N LEU B 158 12.39 -11.41 27.34
CA LEU B 158 12.52 -11.10 28.75
C LEU B 158 12.79 -12.42 29.47
N VAL B 159 13.83 -12.45 30.28
CA VAL B 159 14.20 -13.66 31.02
C VAL B 159 14.31 -13.34 32.51
N MET B 160 13.39 -13.94 33.28
CA MET B 160 13.34 -13.73 34.73
C MET B 160 14.04 -14.85 35.52
N LEU B 161 14.72 -14.46 36.59
CA LEU B 161 15.43 -15.38 37.46
C LEU B 161 14.99 -15.23 38.90
N GLU B 162 14.46 -16.31 39.47
CA GLU B 162 14.03 -16.31 40.87
C GLU B 162 15.28 -16.36 41.75
N THR B 163 15.60 -15.24 42.40
CA THR B 163 16.85 -15.11 43.15
C THR B 163 16.79 -15.31 44.69
N VAL B 164 17.75 -16.10 45.22
CA VAL B 164 17.95 -16.34 46.68
C VAL B 164 19.08 -15.39 47.16
N GLU B 169 26.39 -11.28 45.80
CA GLU B 169 26.25 -12.23 44.71
C GLU B 169 26.05 -11.53 43.38
N VAL B 170 26.95 -11.84 42.46
CA VAL B 170 26.94 -11.28 41.12
C VAL B 170 26.05 -12.11 40.21
N TYR B 171 25.07 -11.44 39.61
CA TYR B 171 24.15 -12.09 38.70
C TYR B 171 24.44 -11.52 37.32
N THR B 172 24.82 -12.39 36.39
CA THR B 172 25.13 -11.92 35.06
C THR B 172 24.20 -12.50 34.03
N CYS B 173 23.65 -11.60 33.22
CA CYS B 173 22.78 -12.00 32.14
C CYS B 173 23.69 -11.96 30.92
N GLN B 174 23.82 -13.11 30.27
CA GLN B 174 24.66 -13.24 29.08
C GLN B 174 23.80 -13.47 27.86
N VAL B 175 24.13 -12.78 26.78
CA VAL B 175 23.39 -12.87 25.53
C VAL B 175 24.29 -13.17 24.34
N GLU B 176 23.92 -14.19 23.58
CA GLU B 176 24.66 -14.57 22.38
C GLU B 176 23.74 -14.25 21.22
N HIS B 177 24.22 -13.47 20.27
CA HIS B 177 23.40 -13.11 19.12
C HIS B 177 24.29 -13.01 17.89
N PRO B 178 23.80 -13.42 16.71
CA PRO B 178 24.55 -13.38 15.46
C PRO B 178 25.27 -12.05 15.15
N SER B 179 24.68 -10.93 15.52
CA SER B 179 25.27 -9.61 15.27
C SER B 179 26.53 -9.32 16.10
N LEU B 180 26.84 -10.18 17.05
CA LEU B 180 27.98 -9.98 17.94
C LEU B 180 29.10 -11.01 17.73
N THR B 181 30.34 -10.57 17.96
CA THR B 181 31.50 -11.45 17.85
C THR B 181 31.69 -12.25 19.13
N SER B 182 31.19 -11.67 20.23
CA SER B 182 31.28 -12.28 21.55
C SER B 182 29.99 -12.02 22.33
N PRO B 183 29.77 -12.77 23.43
CA PRO B 183 28.56 -12.59 24.25
C PRO B 183 28.46 -11.25 24.96
N LEU B 184 27.23 -10.81 25.17
CA LEU B 184 26.94 -9.57 25.88
C LEU B 184 26.67 -9.94 27.32
N THR B 185 27.42 -9.39 28.22
CA THR B 185 27.18 -9.68 29.61
C THR B 185 26.84 -8.40 30.36
N VAL B 186 25.84 -8.48 31.19
CA VAL B 186 25.48 -7.39 32.07
C VAL B 186 25.52 -7.95 33.47
N GLU B 187 26.45 -7.48 34.26
CA GLU B 187 26.60 -7.98 35.62
C GLU B 187 25.93 -7.05 36.61
N TRP B 188 25.14 -7.64 37.49
CA TRP B 188 24.39 -6.87 38.48
C TRP B 188 24.67 -7.34 39.90
N ARG B 189 24.72 -6.41 40.78
CA ARG B 189 24.86 -6.56 42.21
C ARG B 189 24.00 -5.55 42.96
N ALA B 190 23.98 -5.52 44.22
CA ALA B 190 23.17 -4.55 44.96
C ALA B 190 23.99 -3.95 46.07
N SER C 2 -5.60 31.92 -3.92
CA SER C 2 -4.70 31.96 -5.11
C SER C 2 -3.44 31.16 -4.82
N GLN C 3 -2.90 30.52 -5.85
CA GLN C 3 -1.70 29.70 -5.72
C GLN C 3 -0.47 30.52 -6.12
N PRO C 4 0.63 30.40 -5.36
CA PRO C 4 1.86 31.15 -5.67
C PRO C 4 2.45 30.65 -7.00
N ASP C 5 2.59 31.56 -7.95
CA ASP C 5 3.12 31.21 -9.26
C ASP C 5 4.52 30.58 -9.18
N PRO C 6 4.89 29.78 -10.20
CA PRO C 6 6.16 29.07 -10.31
C PRO C 6 7.43 29.80 -9.90
N LYS C 7 8.25 29.11 -9.11
CA LYS C 7 9.52 29.62 -8.63
C LYS C 7 10.59 29.31 -9.68
N PRO C 8 11.70 30.07 -9.67
CA PRO C 8 12.83 29.95 -10.61
C PRO C 8 13.29 28.55 -11.03
N ASP C 9 13.15 27.55 -10.16
CA ASP C 9 13.57 26.19 -10.51
C ASP C 9 12.48 25.15 -10.25
N GLU C 10 11.27 25.63 -9.96
CA GLU C 10 10.15 24.75 -9.65
C GLU C 10 9.62 23.93 -10.84
N LEU C 11 9.39 24.59 -11.96
CA LEU C 11 8.87 23.91 -13.15
C LEU C 11 9.84 22.85 -13.68
N HIS C 12 9.29 21.83 -14.31
CA HIS C 12 10.11 20.76 -14.87
C HIS C 12 10.70 21.15 -16.21
N LYS C 13 11.98 20.87 -16.38
CA LYS C 13 12.69 21.15 -17.62
C LYS C 13 12.63 19.88 -18.47
N SER C 14 12.07 19.96 -19.67
CA SER C 14 11.97 18.79 -20.54
C SER C 14 13.33 18.22 -20.93
N SER C 15 14.34 19.08 -20.99
CA SER C 15 15.69 18.65 -21.33
C SER C 15 16.22 17.65 -20.31
N LYS C 16 15.64 17.69 -19.10
CA LYS C 16 16.04 16.78 -18.03
C LYS C 16 15.19 15.51 -18.02
N PHE C 17 14.31 15.40 -19.02
CA PHE C 17 13.46 14.24 -19.20
C PHE C 17 14.08 13.53 -20.39
N THR C 18 14.46 12.27 -20.21
CA THR C 18 15.09 11.50 -21.26
C THR C 18 14.25 10.35 -21.83
N GLY C 19 12.98 10.30 -21.44
CA GLY C 19 12.09 9.27 -21.95
C GLY C 19 11.34 9.83 -23.16
N LEU C 20 10.41 9.06 -23.70
CA LEU C 20 9.63 9.53 -24.84
C LEU C 20 8.50 10.49 -24.48
N MET C 21 8.53 11.68 -25.04
CA MET C 21 7.50 12.68 -24.80
C MET C 21 6.18 12.22 -25.43
N GLU C 22 6.25 11.16 -26.23
CA GLU C 22 5.07 10.61 -26.88
C GLU C 22 4.08 10.09 -25.83
N ASN C 23 4.61 9.67 -24.68
CA ASN C 23 3.80 9.16 -23.60
C ASN C 23 3.02 10.28 -22.92
N MET C 24 3.51 11.51 -23.06
CA MET C 24 2.84 12.68 -22.51
C MET C 24 1.89 13.19 -23.59
N LYS C 25 2.35 13.13 -24.83
CA LYS C 25 1.57 13.56 -25.98
C LYS C 25 0.27 12.79 -26.14
N VAL C 26 0.33 11.46 -26.02
CA VAL C 26 -0.86 10.63 -26.16
C VAL C 26 -1.98 11.00 -25.18
N LEU C 27 -1.60 11.54 -24.03
CA LEU C 27 -2.57 11.94 -23.01
C LEU C 27 -3.38 13.14 -23.46
N TYR C 28 -2.81 13.93 -24.36
CA TYR C 28 -3.48 15.13 -24.85
C TYR C 28 -3.65 15.09 -26.36
N ASP C 29 -3.94 13.89 -26.87
CA ASP C 29 -4.15 13.70 -28.29
C ASP C 29 -5.64 13.60 -28.60
N ASP C 30 -5.98 13.15 -29.80
CA ASP C 30 -7.38 13.05 -30.22
C ASP C 30 -8.24 12.23 -29.24
N ASN C 31 -7.66 11.14 -28.75
CA ASN C 31 -8.36 10.24 -27.84
C ASN C 31 -8.44 10.77 -26.42
N HIS C 32 -9.61 10.56 -25.81
CA HIS C 32 -9.89 10.96 -24.44
C HIS C 32 -11.25 10.36 -24.08
N VAL C 33 -11.66 10.50 -22.83
CA VAL C 33 -12.94 9.96 -22.38
C VAL C 33 -13.98 11.07 -22.37
N SER C 34 -15.18 10.74 -22.83
CA SER C 34 -16.30 11.68 -22.87
C SER C 34 -17.61 10.91 -22.77
N ALA C 35 -18.27 11.10 -21.67
CA ALA C 35 -19.55 10.48 -21.45
C ALA C 35 -20.49 11.57 -21.12
N ILE C 36 -21.66 11.44 -21.62
CA ILE C 36 -22.62 12.46 -21.43
C ILE C 36 -23.97 11.87 -20.95
N ASN C 37 -24.33 11.92 -19.68
CA ASN C 37 -25.63 11.37 -19.11
C ASN C 37 -25.52 10.05 -18.48
N VAL C 38 -24.42 9.93 -17.83
CA VAL C 38 -24.04 8.68 -17.42
C VAL C 38 -23.95 8.43 -15.91
N LYS C 39 -24.15 7.18 -15.51
CA LYS C 39 -24.13 6.76 -14.11
C LYS C 39 -23.18 5.59 -13.94
N SER C 40 -22.62 5.46 -12.76
CA SER C 40 -21.60 4.46 -12.49
C SER C 40 -22.11 3.05 -12.50
N ILE C 41 -21.32 2.18 -12.98
CA ILE C 41 -21.78 0.87 -13.09
C ILE C 41 -21.33 -0.01 -11.90
N ASP C 42 -20.24 0.37 -11.23
CA ASP C 42 -19.77 -0.34 -10.02
C ASP C 42 -18.42 0.19 -9.62
N GLN C 43 -17.76 -0.43 -8.71
CA GLN C 43 -16.47 0.04 -8.32
C GLN C 43 -15.50 -1.13 -8.23
N PHE C 44 -14.22 -0.79 -8.06
CA PHE C 44 -13.12 -1.75 -7.93
C PHE C 44 -12.62 -1.53 -6.50
N LEU C 45 -12.22 -0.30 -6.22
CA LEU C 45 -11.74 0.10 -4.90
C LEU C 45 -12.72 1.19 -4.46
N TYR C 46 -12.81 1.44 -3.16
CA TYR C 46 -13.74 2.43 -2.60
C TYR C 46 -13.57 3.90 -3.02
N PHE C 47 -12.45 4.24 -3.64
CA PHE C 47 -12.21 5.63 -4.05
C PHE C 47 -12.37 5.85 -5.55
N ASP C 48 -12.85 4.84 -6.26
CA ASP C 48 -13.05 4.96 -7.69
C ASP C 48 -14.46 4.54 -8.10
N LEU C 49 -14.80 4.83 -9.35
CA LEU C 49 -16.10 4.50 -9.91
C LEU C 49 -15.84 3.97 -11.31
N ILE C 50 -16.61 2.97 -11.71
CA ILE C 50 -16.44 2.40 -13.03
C ILE C 50 -17.67 2.72 -13.86
N TYR C 51 -17.42 3.17 -15.09
CA TYR C 51 -18.49 3.54 -16.01
C TYR C 51 -18.37 2.72 -17.28
N SER C 52 -19.50 2.45 -17.93
CA SER C 52 -19.48 1.73 -19.18
C SER C 52 -19.65 2.81 -20.24
N ILE C 53 -18.53 3.20 -20.83
CA ILE C 53 -18.45 4.22 -21.86
C ILE C 53 -17.70 3.51 -22.99
N LYS C 54 -18.14 3.71 -24.22
CA LYS C 54 -17.49 3.05 -25.35
C LYS C 54 -17.22 4.02 -26.48
N TYR C 61 -11.81 0.86 -25.63
CA TYR C 61 -12.34 0.50 -24.29
C TYR C 61 -13.84 0.31 -24.31
N ASP C 62 -14.38 -0.19 -23.21
CA ASP C 62 -15.82 -0.42 -23.02
C ASP C 62 -16.15 0.01 -21.59
N ASN C 63 -15.16 -0.09 -20.71
CA ASN C 63 -15.30 0.29 -19.30
C ASN C 63 -14.24 1.33 -18.94
N VAL C 64 -14.62 2.26 -18.08
CA VAL C 64 -13.72 3.33 -17.64
C VAL C 64 -13.70 3.44 -16.13
N ARG C 65 -12.50 3.32 -15.55
CA ARG C 65 -12.33 3.46 -14.11
C ARG C 65 -11.95 4.91 -13.84
N VAL C 66 -12.68 5.57 -12.96
CA VAL C 66 -12.42 6.94 -12.61
C VAL C 66 -12.01 6.99 -11.14
N GLU C 67 -10.75 7.34 -10.88
CA GLU C 67 -10.25 7.43 -9.52
C GLU C 67 -10.38 8.83 -8.96
N PHE C 68 -10.69 8.92 -7.67
CA PHE C 68 -10.85 10.19 -6.99
C PHE C 68 -9.82 10.32 -5.88
N LYS C 69 -9.67 11.52 -5.36
CA LYS C 69 -8.73 11.82 -4.29
C LYS C 69 -9.07 11.06 -3.01
N ASN C 70 -10.36 10.84 -2.78
CA ASN C 70 -10.80 10.15 -1.58
C ASN C 70 -12.15 9.48 -1.80
N LYS C 71 -12.61 8.74 -0.81
CA LYS C 71 -13.91 8.09 -0.89
C LYS C 71 -15.04 9.10 -0.99
N ASP C 72 -14.93 10.10 -0.11
CA ASP C 72 -15.91 11.18 -0.01
C ASP C 72 -16.36 11.60 -1.39
N LEU C 73 -15.41 11.69 -2.29
CA LEU C 73 -15.65 12.09 -3.66
C LEU C 73 -16.39 11.03 -4.45
N ALA C 74 -15.93 9.79 -4.36
CA ALA C 74 -16.55 8.67 -5.07
C ALA C 74 -17.99 8.46 -4.60
N ASP C 75 -18.26 8.78 -3.33
CA ASP C 75 -19.59 8.64 -2.76
C ASP C 75 -20.54 9.66 -3.37
N LYS C 76 -20.05 10.90 -3.46
CA LYS C 76 -20.83 11.98 -4.02
C LYS C 76 -21.31 11.70 -5.44
N TYR C 77 -20.49 10.98 -6.20
CA TYR C 77 -20.83 10.69 -7.59
C TYR C 77 -21.33 9.26 -7.89
N LYS C 78 -21.36 8.36 -6.91
CA LYS C 78 -21.77 6.98 -7.20
C LYS C 78 -23.14 6.85 -7.91
N ASP C 79 -24.20 7.41 -7.34
CA ASP C 79 -25.54 7.19 -7.91
C ASP C 79 -26.04 8.39 -8.77
N LYS C 80 -25.21 9.43 -8.95
CA LYS C 80 -25.58 10.63 -9.74
C LYS C 80 -25.41 10.44 -11.23
N TYR C 81 -26.19 11.18 -11.99
CA TYR C 81 -26.03 11.18 -13.44
C TYR C 81 -25.00 12.23 -13.76
N VAL C 82 -23.82 11.81 -14.16
CA VAL C 82 -22.78 12.80 -14.39
C VAL C 82 -22.28 12.83 -15.82
N ASP C 83 -21.49 13.85 -16.08
CA ASP C 83 -20.77 14.01 -17.33
C ASP C 83 -19.32 13.67 -17.05
N VAL C 84 -18.76 12.74 -17.80
CA VAL C 84 -17.37 12.38 -17.59
C VAL C 84 -16.51 12.87 -18.75
N PHE C 85 -15.41 13.52 -18.44
CA PHE C 85 -14.48 14.01 -19.45
C PHE C 85 -13.08 13.91 -18.87
N GLY C 86 -12.19 13.23 -19.57
CA GLY C 86 -10.84 13.13 -19.05
C GLY C 86 -9.78 12.52 -19.93
N ALA C 87 -8.53 12.77 -19.55
CA ALA C 87 -7.37 12.24 -20.27
C ALA C 87 -7.11 10.87 -19.66
N ASN C 88 -7.42 9.83 -20.42
CA ASN C 88 -7.24 8.47 -19.94
C ASN C 88 -5.92 7.84 -20.36
N TYR C 89 -5.63 6.71 -19.72
CA TYR C 89 -4.44 5.93 -20.02
C TYR C 89 -4.80 4.45 -20.06
N TYR C 90 -3.92 3.64 -20.60
CA TYR C 90 -4.18 2.21 -20.71
C TYR C 90 -3.14 1.38 -19.97
N TYR C 91 -1.90 1.86 -19.96
CA TYR C 91 -0.79 1.17 -19.31
C TYR C 91 -1.02 0.69 -17.87
N GLN C 92 -0.96 1.57 -16.89
CA GLN C 92 -1.16 1.17 -15.50
C GLN C 92 -2.65 0.93 -15.17
N CYS C 93 -3.44 0.59 -16.18
CA CYS C 93 -4.88 0.42 -15.96
C CYS C 93 -5.37 -0.99 -15.60
N TYR C 94 -5.65 -1.17 -14.32
CA TYR C 94 -6.14 -2.46 -13.81
C TYR C 94 -7.39 -2.26 -12.98
N PHE C 95 -8.37 -3.13 -13.22
CA PHE C 95 -9.64 -3.15 -12.48
C PHE C 95 -10.49 -4.24 -13.03
N SER C 96 -11.48 -4.57 -12.26
CA SER C 96 -12.40 -5.57 -12.66
C SER C 96 -13.78 -5.22 -12.20
N LYS C 97 -14.63 -5.32 -13.11
CA LYS C 97 -16.00 -5.23 -12.89
C LYS C 97 -16.44 -6.62 -13.34
N ARG C 110 -12.98 -3.72 -23.39
CA ARG C 110 -11.59 -3.35 -23.20
C ARG C 110 -11.48 -2.32 -22.03
N LYS C 111 -10.36 -2.24 -21.26
CA LYS C 111 -10.31 -1.31 -20.08
C LYS C 111 -9.43 -0.05 -20.23
N THR C 112 -9.91 1.04 -19.67
CA THR C 112 -9.14 2.29 -19.63
C THR C 112 -9.36 2.93 -18.25
N CYS C 113 -8.43 3.78 -17.83
CA CYS C 113 -8.51 4.43 -16.52
C CYS C 113 -8.26 5.93 -16.63
N MET C 114 -8.80 6.68 -15.67
CA MET C 114 -8.66 8.13 -15.62
C MET C 114 -8.91 8.63 -14.18
N TYR C 115 -8.61 9.89 -13.92
CA TYR C 115 -8.82 10.48 -12.61
C TYR C 115 -9.77 11.66 -12.70
N GLY C 116 -10.67 11.78 -11.72
CA GLY C 116 -11.62 12.87 -11.69
C GLY C 116 -12.35 13.11 -12.98
N GLY C 117 -12.44 14.38 -13.38
CA GLY C 117 -13.11 14.74 -14.62
C GLY C 117 -14.59 14.39 -14.58
N VAL C 118 -15.14 14.29 -13.37
CA VAL C 118 -16.54 13.95 -13.21
C VAL C 118 -17.30 15.17 -12.72
N THR C 119 -18.34 15.54 -13.45
CA THR C 119 -19.15 16.70 -13.14
C THR C 119 -20.63 16.30 -13.25
N GLU C 120 -21.46 16.78 -12.32
CA GLU C 120 -22.90 16.46 -12.32
C GLU C 120 -23.62 17.00 -13.57
N HIS C 121 -24.40 16.15 -14.22
CA HIS C 121 -25.14 16.54 -15.43
C HIS C 121 -26.18 17.63 -15.24
N ASN C 122 -27.20 17.33 -14.44
CA ASN C 122 -28.31 18.27 -14.20
C ASN C 122 -27.89 19.64 -13.70
N GLY C 123 -28.50 20.69 -14.25
CA GLY C 123 -28.21 22.05 -13.85
C GLY C 123 -26.80 22.53 -14.14
N ASN C 124 -26.10 21.81 -15.00
CA ASN C 124 -24.74 22.17 -15.36
C ASN C 124 -24.62 22.38 -16.87
N GLN C 125 -25.68 22.05 -17.60
CA GLN C 125 -25.69 22.20 -19.04
C GLN C 125 -26.06 23.61 -19.48
N LEU C 126 -25.44 24.07 -20.56
CA LEU C 126 -25.71 25.39 -21.11
C LEU C 126 -26.42 25.16 -22.45
N ASP C 127 -27.27 26.11 -22.86
CA ASP C 127 -28.00 25.99 -24.11
C ASP C 127 -27.08 25.97 -25.33
N LYS C 128 -25.99 26.73 -25.26
CA LYS C 128 -25.03 26.78 -26.35
C LYS C 128 -23.64 26.71 -25.75
N TYR C 129 -22.63 26.59 -26.62
CA TYR C 129 -21.26 26.52 -26.16
C TYR C 129 -20.71 27.85 -25.69
N ARG C 130 -20.04 27.78 -24.54
CA ARG C 130 -19.42 28.95 -23.93
C ARG C 130 -17.94 28.80 -24.24
N SER C 131 -17.35 29.88 -24.76
CA SER C 131 -15.95 29.90 -25.11
C SER C 131 -15.12 30.52 -23.98
N ILE C 132 -13.98 29.91 -23.70
CA ILE C 132 -13.06 30.38 -22.67
C ILE C 132 -11.77 30.78 -23.37
N THR C 133 -11.34 32.01 -23.12
CA THR C 133 -10.13 32.54 -23.75
C THR C 133 -8.85 31.96 -23.15
N VAL C 134 -7.91 31.65 -24.03
CA VAL C 134 -6.62 31.09 -23.65
C VAL C 134 -5.50 31.92 -24.23
N ARG C 135 -4.67 32.50 -23.37
CA ARG C 135 -3.56 33.30 -23.85
C ARG C 135 -2.25 32.53 -23.70
N VAL C 136 -1.66 32.25 -24.87
CA VAL C 136 -0.41 31.51 -24.95
C VAL C 136 0.80 32.43 -24.98
N PHE C 137 1.70 32.24 -24.04
CA PHE C 137 2.92 33.04 -23.99
C PHE C 137 4.16 32.19 -24.23
N GLU C 138 4.71 32.29 -25.43
CA GLU C 138 5.94 31.58 -25.74
C GLU C 138 7.13 32.45 -25.40
N ASP C 139 7.85 32.09 -24.34
CA ASP C 139 8.98 32.87 -23.90
C ASP C 139 8.57 34.31 -23.60
N GLY C 140 7.43 34.44 -22.94
CA GLY C 140 6.90 35.74 -22.53
C GLY C 140 6.14 36.46 -23.62
N LYS C 141 6.25 35.99 -24.85
CA LYS C 141 5.58 36.63 -25.97
C LYS C 141 4.26 35.93 -26.32
N ASN C 142 3.17 36.68 -26.11
CA ASN C 142 1.80 36.23 -26.44
C ASN C 142 1.64 36.22 -27.96
N LEU C 143 1.98 35.09 -28.58
CA LEU C 143 1.90 34.95 -30.03
C LEU C 143 0.63 34.26 -30.50
N LEU C 144 -0.04 33.57 -29.58
CA LEU C 144 -1.26 32.85 -29.90
C LEU C 144 -2.27 32.98 -28.77
N SER C 145 -3.53 33.06 -29.15
CA SER C 145 -4.63 33.16 -28.22
C SER C 145 -5.79 32.44 -28.90
N PHE C 146 -6.46 31.58 -28.20
CA PHE C 146 -7.58 30.87 -28.79
C PHE C 146 -8.67 30.65 -27.79
N ASP C 147 -9.77 30.09 -28.26
CA ASP C 147 -10.89 29.80 -27.39
C ASP C 147 -11.06 28.30 -27.23
N VAL C 148 -11.51 27.93 -26.05
CA VAL C 148 -11.82 26.56 -25.71
C VAL C 148 -13.29 26.55 -25.36
N GLN C 149 -14.09 25.64 -25.89
CA GLN C 149 -15.50 25.71 -25.58
C GLN C 149 -16.04 24.58 -24.73
N THR C 150 -17.04 24.91 -23.94
CA THR C 150 -17.69 23.94 -23.08
C THR C 150 -19.16 24.31 -22.94
N ASN C 151 -19.97 23.27 -22.77
CA ASN C 151 -21.42 23.41 -22.63
C ASN C 151 -21.78 23.27 -21.14
N LYS C 152 -20.81 23.48 -20.26
CA LYS C 152 -21.02 23.32 -18.82
C LYS C 152 -20.85 24.56 -17.97
N LYS C 153 -21.67 24.63 -16.91
CA LYS C 153 -21.58 25.71 -15.94
C LYS C 153 -20.27 25.63 -15.17
N LYS C 154 -20.18 24.50 -14.46
CA LYS C 154 -18.97 24.17 -13.73
C LYS C 154 -18.32 23.13 -14.61
N VAL C 155 -17.04 23.34 -14.89
CA VAL C 155 -16.30 22.44 -15.74
C VAL C 155 -15.00 22.12 -15.01
N THR C 156 -14.46 20.93 -15.23
CA THR C 156 -13.23 20.55 -14.54
C THR C 156 -12.03 21.20 -15.20
N ALA C 157 -11.05 21.59 -14.38
CA ALA C 157 -9.83 22.17 -14.91
C ALA C 157 -9.22 21.15 -15.86
N GLN C 158 -9.44 19.88 -15.55
CA GLN C 158 -8.94 18.77 -16.37
C GLN C 158 -9.45 18.87 -17.81
N GLU C 159 -10.75 19.12 -17.96
CA GLU C 159 -11.35 19.23 -19.29
C GLU C 159 -10.72 20.40 -20.03
N LEU C 160 -10.64 21.54 -19.35
CA LEU C 160 -10.07 22.74 -19.94
C LEU C 160 -8.59 22.56 -20.22
N ASP C 161 -7.91 21.84 -19.34
CA ASP C 161 -6.49 21.59 -19.48
C ASP C 161 -6.28 20.71 -20.71
N TYR C 162 -7.12 19.69 -20.84
CA TYR C 162 -7.02 18.79 -21.98
C TYR C 162 -7.25 19.57 -23.27
N LEU C 163 -8.38 20.25 -23.36
CA LEU C 163 -8.73 21.03 -24.54
C LEU C 163 -7.62 22.02 -24.92
N THR C 164 -7.10 22.73 -23.93
CA THR C 164 -6.04 23.70 -24.17
C THR C 164 -4.76 23.05 -24.70
N ARG C 165 -4.23 22.08 -23.96
CA ARG C 165 -3.00 21.40 -24.37
C ARG C 165 -3.20 20.65 -25.67
N HIS C 166 -4.39 20.13 -25.89
CA HIS C 166 -4.69 19.38 -27.10
C HIS C 166 -4.57 20.31 -28.29
N TYR C 167 -5.06 21.53 -28.14
CA TYR C 167 -4.98 22.50 -29.22
C TYR C 167 -3.53 22.84 -29.47
N LEU C 168 -2.76 22.92 -28.39
CA LEU C 168 -1.34 23.25 -28.46
C LEU C 168 -0.50 22.13 -29.06
N VAL C 169 -0.99 20.90 -28.95
CA VAL C 169 -0.25 19.76 -29.51
C VAL C 169 -0.35 19.79 -30.98
N LYS C 170 -1.56 20.00 -31.44
CA LYS C 170 -1.75 20.02 -32.85
C LYS C 170 -1.46 21.42 -33.45
N ASN C 171 -1.03 22.47 -32.71
CA ASN C 171 -0.70 23.77 -33.39
C ASN C 171 0.70 24.22 -33.03
N LYS C 172 1.02 24.23 -31.74
CA LYS C 172 2.34 24.67 -31.29
C LYS C 172 3.31 23.51 -31.06
N LYS C 173 2.95 22.33 -31.56
CA LYS C 173 3.77 21.12 -31.41
C LYS C 173 4.24 20.98 -29.96
N LEU C 174 3.34 21.27 -29.03
CA LEU C 174 3.63 21.20 -27.59
C LEU C 174 4.44 19.98 -27.22
N TYR C 175 3.93 18.81 -27.57
CA TYR C 175 4.64 17.57 -27.28
C TYR C 175 4.91 16.86 -28.58
N GLU C 176 6.10 16.32 -28.70
CA GLU C 176 6.50 15.58 -29.89
C GLU C 176 6.81 14.14 -29.48
N PHE C 177 7.23 13.32 -30.42
CA PHE C 177 7.53 11.91 -30.14
C PHE C 177 8.70 11.70 -29.17
N ASN C 178 9.81 12.42 -29.39
CA ASN C 178 10.99 12.26 -28.53
C ASN C 178 10.98 13.29 -27.42
N ASN C 179 11.14 14.55 -27.79
CA ASN C 179 11.15 15.64 -26.83
C ASN C 179 10.16 16.73 -27.25
N SER C 180 10.11 17.81 -26.49
CA SER C 180 9.21 18.92 -26.76
C SER C 180 10.06 20.10 -27.25
N PRO C 181 9.47 21.00 -28.05
CA PRO C 181 10.30 22.12 -28.49
C PRO C 181 10.36 23.20 -27.40
N TYR C 182 9.78 22.89 -26.23
CA TYR C 182 9.77 23.82 -25.11
C TYR C 182 10.48 23.22 -23.90
N GLU C 183 11.13 24.08 -23.12
CA GLU C 183 11.84 23.68 -21.93
C GLU C 183 10.87 23.50 -20.77
N THR C 184 10.19 24.58 -20.39
CA THR C 184 9.21 24.51 -19.32
C THR C 184 7.89 25.04 -19.87
N GLY C 185 6.85 24.92 -19.07
CA GLY C 185 5.54 25.38 -19.48
C GLY C 185 4.53 25.03 -18.42
N TYR C 186 3.62 25.95 -18.16
CA TYR C 186 2.57 25.72 -17.18
C TYR C 186 1.30 26.42 -17.64
N ILE C 187 0.17 25.88 -17.22
CA ILE C 187 -1.11 26.43 -17.58
C ILE C 187 -1.77 26.97 -16.32
N LYS C 188 -2.08 28.25 -16.32
CA LYS C 188 -2.70 28.89 -15.17
C LYS C 188 -4.17 29.20 -15.46
N PHE C 189 -5.01 28.83 -14.52
CA PHE C 189 -6.45 29.07 -14.63
C PHE C 189 -6.74 30.21 -13.67
N ILE C 190 -7.15 31.35 -14.22
CA ILE C 190 -7.50 32.51 -13.41
C ILE C 190 -9.00 32.69 -13.43
N GLU C 191 -9.56 32.77 -12.22
CA GLU C 191 -10.97 32.97 -12.01
C GLU C 191 -11.02 34.06 -10.95
N ASN C 192 -11.23 35.28 -11.40
CA ASN C 192 -11.28 36.45 -10.52
C ASN C 192 -9.91 36.66 -9.84
N GLU C 193 -9.91 36.84 -8.53
CA GLU C 193 -8.68 37.06 -7.77
C GLU C 193 -8.00 35.76 -7.35
N ASN C 194 -8.55 34.63 -7.76
CA ASN C 194 -7.99 33.32 -7.39
C ASN C 194 -7.47 32.60 -8.63
N SER C 195 -6.37 31.87 -8.46
CA SER C 195 -5.78 31.13 -9.58
C SER C 195 -4.95 29.93 -9.11
N PHE C 196 -4.73 28.99 -10.01
CA PHE C 196 -3.94 27.80 -9.75
C PHE C 196 -3.31 27.37 -11.07
N TRP C 197 -2.19 26.66 -10.99
CA TRP C 197 -1.50 26.23 -12.20
C TRP C 197 -1.03 24.77 -12.17
N TYR C 198 -0.82 24.23 -13.36
CA TYR C 198 -0.35 22.85 -13.53
C TYR C 198 0.94 22.87 -14.33
N ASP C 199 1.90 22.03 -13.94
CA ASP C 199 3.18 21.93 -14.62
C ASP C 199 2.95 21.05 -15.85
N MET C 200 3.23 21.56 -17.05
CA MET C 200 2.95 20.80 -18.27
C MET C 200 4.08 19.86 -18.71
N MET C 201 5.22 19.87 -18.03
CA MET C 201 6.33 19.01 -18.42
C MET C 201 6.48 17.80 -17.52
N PRO C 202 6.98 16.69 -18.06
CA PRO C 202 7.19 15.46 -17.30
C PRO C 202 8.25 15.64 -16.22
N ALA C 203 8.26 14.75 -15.24
CA ALA C 203 9.25 14.78 -14.17
C ALA C 203 10.56 14.31 -14.82
N PRO C 204 11.71 14.57 -14.18
CA PRO C 204 12.99 14.13 -14.75
C PRO C 204 13.18 12.61 -14.72
N GLY C 205 14.04 12.12 -15.61
CA GLY C 205 14.30 10.70 -15.68
C GLY C 205 14.01 10.15 -17.07
N ASP C 206 14.18 8.85 -17.26
CA ASP C 206 13.92 8.23 -18.55
C ASP C 206 12.55 7.58 -18.59
N LYS C 207 11.76 7.81 -17.54
CA LYS C 207 10.43 7.23 -17.48
C LYS C 207 9.37 8.26 -17.16
N PHE C 208 8.28 8.22 -17.92
CA PHE C 208 7.17 9.13 -17.67
C PHE C 208 6.03 8.25 -17.18
N ASP C 209 5.56 8.51 -15.97
CA ASP C 209 4.47 7.74 -15.38
C ASP C 209 3.14 8.44 -15.64
N GLN C 210 2.45 8.04 -16.70
CA GLN C 210 1.16 8.63 -17.06
C GLN C 210 0.20 8.65 -15.88
N SER C 211 0.01 7.49 -15.25
CA SER C 211 -0.89 7.34 -14.11
C SER C 211 -0.59 8.34 -12.99
N LYS C 212 0.69 8.41 -12.60
CA LYS C 212 1.11 9.32 -11.54
C LYS C 212 0.96 10.78 -11.94
N TYR C 213 1.02 11.03 -13.25
CA TYR C 213 0.88 12.39 -13.76
C TYR C 213 -0.56 12.88 -13.73
N LEU C 214 -1.46 12.07 -14.29
CA LEU C 214 -2.88 12.41 -14.34
C LEU C 214 -3.53 12.45 -12.96
N MET C 215 -2.84 11.86 -11.98
CA MET C 215 -3.34 11.81 -10.62
C MET C 215 -3.60 13.21 -10.06
N MET C 216 -2.95 14.21 -10.63
CA MET C 216 -3.12 15.59 -10.19
C MET C 216 -4.57 16.05 -10.40
N TYR C 217 -5.32 15.29 -11.21
CA TYR C 217 -6.72 15.60 -11.50
C TYR C 217 -7.70 14.88 -10.59
N ASN C 218 -7.23 14.00 -9.70
CA ASN C 218 -8.15 13.27 -8.83
C ASN C 218 -8.89 14.15 -7.82
N ASP C 219 -8.53 15.44 -7.82
CA ASP C 219 -9.14 16.44 -6.96
C ASP C 219 -10.54 16.75 -7.51
N ASN C 220 -10.75 16.46 -8.80
CA ASN C 220 -12.03 16.72 -9.47
C ASN C 220 -12.33 18.20 -9.38
N LYS C 221 -11.27 19.01 -9.39
CA LYS C 221 -11.40 20.45 -9.28
C LYS C 221 -12.17 21.03 -10.46
N MET C 222 -13.15 21.85 -10.14
CA MET C 222 -13.97 22.50 -11.14
C MET C 222 -13.85 24.01 -11.05
N VAL C 223 -14.17 24.68 -12.14
CA VAL C 223 -14.14 26.13 -12.23
C VAL C 223 -15.42 26.59 -12.91
N ASP C 224 -15.74 27.87 -12.75
CA ASP C 224 -16.92 28.45 -13.39
C ASP C 224 -16.48 28.87 -14.79
N SER C 225 -17.07 28.28 -15.81
CA SER C 225 -16.73 28.58 -17.20
C SER C 225 -16.95 30.05 -17.57
N LYS C 226 -17.90 30.69 -16.90
CA LYS C 226 -18.21 32.09 -17.13
C LYS C 226 -17.13 33.01 -16.55
N ASP C 227 -16.40 32.51 -15.55
CA ASP C 227 -15.37 33.31 -14.88
C ASP C 227 -13.90 32.95 -15.14
N VAL C 228 -13.63 31.83 -15.77
CA VAL C 228 -12.24 31.44 -16.04
C VAL C 228 -11.56 32.06 -17.25
N LYS C 229 -10.25 32.19 -17.12
CA LYS C 229 -9.38 32.72 -18.15
C LYS C 229 -8.15 31.83 -18.06
N ILE C 230 -7.72 31.28 -19.19
CA ILE C 230 -6.57 30.38 -19.21
C ILE C 230 -5.37 31.04 -19.85
N GLU C 231 -4.22 30.89 -19.20
CA GLU C 231 -2.96 31.44 -19.70
C GLU C 231 -1.93 30.33 -19.67
N VAL C 232 -1.26 30.11 -20.79
CA VAL C 232 -0.24 29.08 -20.86
C VAL C 232 1.11 29.77 -21.01
N TYR C 233 1.99 29.53 -20.06
CA TYR C 233 3.31 30.13 -20.09
C TYR C 233 4.36 29.11 -20.49
N LEU C 234 4.79 29.20 -21.74
CA LEU C 234 5.78 28.30 -22.30
C LEU C 234 7.15 28.97 -22.37
N THR C 235 8.19 28.16 -22.28
CA THR C 235 9.58 28.63 -22.33
C THR C 235 10.33 27.70 -23.29
N THR C 236 11.04 28.29 -24.25
CA THR C 236 11.81 27.52 -25.22
C THR C 236 13.27 27.92 -25.08
N ALA D 1 17.91 -2.68 -8.43
CA ALA D 1 17.30 -4.00 -8.05
C ALA D 1 15.81 -3.77 -7.84
N TYR D 2 15.00 -4.76 -8.21
CA TYR D 2 13.54 -4.67 -8.09
C TYR D 2 12.89 -5.96 -7.58
N MET D 3 11.92 -5.80 -6.69
CA MET D 3 11.17 -6.94 -6.17
C MET D 3 10.12 -7.24 -7.25
N ARG D 4 9.93 -8.51 -7.57
CA ARG D 4 8.96 -8.90 -8.58
C ARG D 4 7.73 -9.48 -7.94
N ALA D 5 6.58 -9.18 -8.52
CA ALA D 5 5.32 -9.69 -8.03
C ALA D 5 4.94 -10.91 -8.84
N ASP D 6 4.39 -11.91 -8.17
CA ASP D 6 3.95 -13.10 -8.87
C ASP D 6 2.50 -12.75 -9.21
N ALA D 7 2.09 -13.07 -10.42
CA ALA D 7 0.73 -12.77 -10.85
C ALA D 7 -0.32 -13.66 -10.18
N ALA D 8 -1.51 -13.12 -10.00
CA ALA D 8 -2.59 -13.88 -9.39
C ALA D 8 -3.33 -14.55 -10.54
N ALA D 9 -3.55 -15.86 -10.44
CA ALA D 9 -4.25 -16.60 -11.48
C ALA D 9 -5.72 -16.18 -11.53
N GLY D 10 -6.21 -15.90 -12.74
CA GLY D 10 -7.59 -15.49 -12.93
C GLY D 10 -8.47 -16.74 -13.04
N GLY D 11 -9.58 -16.72 -12.32
CA GLY D 11 -10.46 -17.87 -12.33
C GLY D 11 -11.56 -18.00 -13.37
N ALA D 12 -12.28 -19.17 -13.33
CA ALA D 12 -13.41 -19.55 -14.19
C ALA D 12 -14.36 -20.29 -13.26
#